data_7RST
#
_entry.id   7RST
#
_cell.length_a   58.050
_cell.length_b   150.920
_cell.length_c   100.850
_cell.angle_alpha   90.000
_cell.angle_beta   90.000
_cell.angle_gamma   90.000
#
_symmetry.space_group_name_H-M   'C 2 2 21'
#
loop_
_entity.id
_entity.type
_entity.pdbx_description
1 polymer Chloroperoxidase
2 branched 2-acetamido-2-deoxy-beta-D-glucopyranose-(1-4)-2-acetamido-2-deoxy-beta-D-glucopyranose
3 branched alpha-D-mannopyranose-(1-2)-alpha-D-mannopyranose
4 non-polymer 'MANGANESE (II) ION'
5 non-polymer 'PROTOPORPHYRIN IX CONTAINING FE'
6 non-polymer 2-acetamido-2-deoxy-beta-D-glucopyranose
7 non-polymer alpha-D-mannopyranose
8 non-polymer 'IODIDE ION'
9 water water
#
_entity_poly.entity_id   1
_entity_poly.type   'polypeptide(L)'
_entity_poly.pdbx_seq_one_letter_code
;(PCA)EPGSGIGYPYDNNTLPYVAPGPTDSRAPCPALNALANHGYIPHDGRAISRETLQNAFLNHMGIANSVIELALTNA
FVVCEYVTGSDCGDSLVNLTLLAEPHAFEHDHSFSRKDYKQGVANSNDFIDNRNFDAETFQTSLDVVAGKTHFDYADMNE
IRLQRESLSNELDFPGWFTESKPIQNVESGFIFALVSDFNLPDNDENPLVRIDWWKYWFTNESFPYHLGWHPPSPAREIE
FVTSASSAVLAASVTSTPSSLPSGAIGPGAEAVPLSFASTMTPFLLATNAPYYAQDPTLGPND
;
_entity_poly.pdbx_strand_id   A
#
# COMPACT_ATOMS: atom_id res chain seq x y z
N GLU A 2 -19.51 4.53 12.47
CA GLU A 2 -20.18 5.57 13.24
C GLU A 2 -19.72 5.48 14.69
N PRO A 3 -19.41 6.64 15.30
CA PRO A 3 -18.82 6.61 16.64
C PRO A 3 -19.63 5.80 17.64
N GLY A 4 -20.95 5.92 17.57
CA GLY A 4 -21.81 5.19 18.50
C GLY A 4 -21.92 3.71 18.22
N SER A 5 -21.40 3.23 17.09
CA SER A 5 -21.58 1.82 16.74
C SER A 5 -20.76 0.91 17.65
N GLY A 6 -19.67 1.42 18.24
CA GLY A 6 -18.81 0.59 19.06
C GLY A 6 -18.05 -0.47 18.29
N ILE A 7 -18.07 -0.42 16.96
CA ILE A 7 -17.46 -1.46 16.16
C ILE A 7 -15.95 -1.53 16.43
N GLY A 8 -15.31 -0.39 16.67
CA GLY A 8 -13.89 -0.42 16.98
C GLY A 8 -13.52 -0.73 18.43
N TYR A 9 -14.48 -0.76 19.33
CA TYR A 9 -14.23 -0.87 20.76
C TYR A 9 -13.71 -2.28 21.11
N PRO A 10 -12.75 -2.38 22.06
CA PRO A 10 -12.04 -1.36 22.83
C PRO A 10 -10.69 -0.97 22.23
N TYR A 11 -10.47 -1.29 20.95
CA TYR A 11 -9.20 -1.00 20.31
C TYR A 11 -9.16 0.39 19.72
N ASP A 12 -10.28 0.86 19.19
CA ASP A 12 -10.42 2.21 18.66
C ASP A 12 -11.73 2.74 19.23
N ASN A 13 -11.63 3.66 20.18
CA ASN A 13 -12.79 4.19 20.88
C ASN A 13 -13.32 5.49 20.27
N ASN A 14 -12.79 5.91 19.13
N ASN A 14 -12.85 5.86 19.09
CA ASN A 14 -13.22 7.16 18.50
CA ASN A 14 -13.15 7.14 18.49
C ASN A 14 -13.22 6.98 16.98
C ASN A 14 -13.20 6.98 16.97
N THR A 15 -14.06 6.08 16.49
CA THR A 15 -14.15 5.85 15.06
C THR A 15 -15.00 6.92 14.38
N LEU A 16 -14.79 7.03 13.06
CA LEU A 16 -15.59 7.86 12.18
C LEU A 16 -16.07 7.01 11.01
N PRO A 17 -17.20 7.35 10.41
CA PRO A 17 -17.77 6.49 9.35
C PRO A 17 -17.01 6.58 8.05
N TYR A 18 -17.17 5.52 7.25
CA TYR A 18 -16.70 5.50 5.88
C TYR A 18 -17.52 6.46 5.04
N VAL A 19 -16.84 7.29 4.24
CA VAL A 19 -17.48 8.11 3.22
C VAL A 19 -16.69 7.96 1.93
N ALA A 20 -17.35 7.57 0.85
CA ALA A 20 -16.67 7.35 -0.40
C ALA A 20 -16.06 8.64 -0.93
N PRO A 21 -14.90 8.56 -1.57
CA PRO A 21 -14.35 9.75 -2.21
C PRO A 21 -15.26 10.22 -3.33
N GLY A 22 -15.39 11.54 -3.46
CA GLY A 22 -16.09 12.13 -4.58
C GLY A 22 -15.12 12.44 -5.71
N PRO A 23 -15.64 12.85 -6.87
CA PRO A 23 -14.75 13.05 -8.02
C PRO A 23 -13.70 14.12 -7.82
N THR A 24 -13.92 15.11 -6.94
CA THR A 24 -12.89 16.12 -6.71
C THR A 24 -11.93 15.76 -5.57
N ASP A 25 -12.19 14.69 -4.83
CA ASP A 25 -11.28 14.32 -3.76
C ASP A 25 -10.00 13.71 -4.33
N SER A 26 -8.90 13.90 -3.60
CA SER A 26 -7.59 13.35 -3.96
C SER A 26 -7.35 12.02 -3.21
N ARG A 27 -6.96 10.98 -3.94
CA ARG A 27 -6.59 9.73 -3.30
C ARG A 27 -5.21 9.30 -3.80
N ALA A 28 -4.66 8.31 -3.10
CA ALA A 28 -3.28 7.84 -3.20
C ALA A 28 -3.20 6.53 -3.96
N PRO A 29 -1.99 6.10 -4.34
CA PRO A 29 -1.77 4.71 -4.71
C PRO A 29 -1.63 3.76 -3.53
N CYS A 30 -1.97 4.23 -2.33
CA CYS A 30 -1.75 3.52 -1.08
C CYS A 30 -3.09 3.10 -0.48
N PRO A 31 -3.32 1.81 -0.25
CA PRO A 31 -4.58 1.37 0.36
C PRO A 31 -4.75 1.82 1.81
N ALA A 32 -3.65 2.08 2.51
CA ALA A 32 -3.75 2.54 3.91
C ALA A 32 -4.15 4.02 3.97
N LEU A 33 -3.45 4.88 3.23
CA LEU A 33 -3.81 6.29 3.20
C LEU A 33 -5.24 6.46 2.71
N ASN A 34 -5.64 5.66 1.71
CA ASN A 34 -6.96 5.86 1.15
C ASN A 34 -8.03 5.47 2.16
N ALA A 35 -7.79 4.40 2.91
CA ALA A 35 -8.72 4.03 3.99
C ALA A 35 -8.79 5.10 5.07
N LEU A 36 -7.63 5.66 5.46
CA LEU A 36 -7.67 6.73 6.47
C LEU A 36 -8.44 7.94 5.97
N ALA A 37 -8.24 8.32 4.70
CA ALA A 37 -8.93 9.48 4.16
C ALA A 37 -10.42 9.22 4.01
N ASN A 38 -10.78 7.98 3.64
CA ASN A 38 -12.19 7.65 3.47
C ASN A 38 -12.94 7.77 4.78
N HIS A 39 -12.25 7.61 5.90
CA HIS A 39 -12.84 7.79 7.23
C HIS A 39 -12.60 9.17 7.81
N GLY A 40 -11.92 10.04 7.09
CA GLY A 40 -11.60 11.37 7.60
C GLY A 40 -10.60 11.40 8.73
N TYR A 41 -9.83 10.31 8.93
CA TYR A 41 -8.76 10.32 9.92
C TYR A 41 -7.59 11.17 9.46
N ILE A 42 -7.38 11.21 8.15
CA ILE A 42 -6.69 12.32 7.48
C ILE A 42 -7.77 12.98 6.61
N PRO A 43 -7.53 14.20 6.12
CA PRO A 43 -8.63 14.93 5.45
C PRO A 43 -9.32 14.12 4.36
N HIS A 44 -10.66 14.15 4.35
N HIS A 44 -10.66 14.16 4.41
CA HIS A 44 -11.39 13.35 3.37
CA HIS A 44 -11.51 13.46 3.43
C HIS A 44 -11.13 13.81 1.95
C HIS A 44 -11.15 13.83 2.00
N ASP A 45 -10.75 15.08 1.76
CA ASP A 45 -10.44 15.54 0.42
C ASP A 45 -9.02 15.22 0.02
N GLY A 46 -8.24 14.63 0.92
CA GLY A 46 -6.91 14.17 0.57
C GLY A 46 -5.90 15.26 0.36
N ARG A 47 -6.12 16.44 0.96
CA ARG A 47 -5.27 17.60 0.69
C ARG A 47 -4.77 18.21 1.98
N ALA A 48 -3.57 18.79 1.92
CA ALA A 48 -3.05 19.66 2.98
C ALA A 48 -2.84 18.90 4.30
N ILE A 49 -1.97 17.89 4.27
CA ILE A 49 -1.86 16.89 5.32
C ILE A 49 -0.53 17.03 6.04
N SER A 50 -0.57 17.21 7.36
CA SER A 50 0.66 17.38 8.11
C SER A 50 1.18 16.03 8.59
N ARG A 51 2.47 16.02 8.97
CA ARG A 51 3.06 14.79 9.48
C ARG A 51 2.33 14.30 10.72
N GLU A 52 2.04 15.19 11.69
CA GLU A 52 1.36 14.75 12.90
C GLU A 52 -0.03 14.19 12.61
N THR A 53 -0.73 14.76 11.63
CA THR A 53 -2.04 14.21 11.28
C THR A 53 -1.90 12.76 10.83
N LEU A 54 -0.87 12.47 10.04
CA LEU A 54 -0.64 11.10 9.58
C LEU A 54 -0.22 10.20 10.73
N GLN A 55 0.70 10.68 11.56
CA GLN A 55 1.18 9.87 12.67
C GLN A 55 0.01 9.45 13.57
N ASN A 56 -0.80 10.43 13.97
CA ASN A 56 -1.92 10.17 14.86
C ASN A 56 -2.93 9.24 14.21
N ALA A 57 -3.20 9.44 12.91
CA ALA A 57 -4.18 8.60 12.22
C ALA A 57 -3.74 7.15 12.22
N PHE A 58 -2.47 6.90 11.87
CA PHE A 58 -1.99 5.52 11.82
C PHE A 58 -1.96 4.90 13.22
N LEU A 59 -1.57 5.68 14.23
CA LEU A 59 -1.39 5.12 15.56
C LEU A 59 -2.74 4.81 16.21
N ASN A 60 -3.68 5.74 16.13
CA ASN A 60 -4.91 5.58 16.90
C ASN A 60 -5.99 4.80 16.18
N HIS A 61 -5.88 4.66 14.85
CA HIS A 61 -6.93 4.02 14.10
C HIS A 61 -6.48 2.79 13.32
N MET A 62 -5.17 2.56 13.16
CA MET A 62 -4.68 1.37 12.48
C MET A 62 -3.67 0.55 13.27
N GLY A 63 -3.33 0.95 14.49
CA GLY A 63 -2.38 0.17 15.27
C GLY A 63 -1.01 0.14 14.64
N ILE A 64 -0.59 1.25 14.03
CA ILE A 64 0.68 1.36 13.33
C ILE A 64 1.45 2.48 14.02
N ALA A 65 2.57 2.14 14.69
CA ALA A 65 3.30 3.12 15.47
C ALA A 65 4.07 4.11 14.59
N ASN A 66 4.42 5.26 15.19
CA ASN A 66 5.14 6.29 14.45
C ASN A 66 6.36 5.74 13.75
N SER A 67 7.07 4.81 14.40
CA SER A 67 8.34 4.34 13.83
C SER A 67 8.14 3.70 12.46
N VAL A 68 6.95 3.12 12.24
CA VAL A 68 6.68 2.40 10.99
C VAL A 68 6.65 3.32 9.79
N ILE A 69 6.20 4.57 9.98
CA ILE A 69 6.02 5.50 8.85
C ILE A 69 7.09 6.58 8.81
N GLU A 70 8.14 6.48 9.65
CA GLU A 70 9.14 7.54 9.65
C GLU A 70 9.73 7.76 8.26
N LEU A 71 10.20 6.69 7.63
CA LEU A 71 10.80 6.85 6.30
C LEU A 71 9.75 7.20 5.27
N ALA A 72 8.55 6.62 5.40
CA ALA A 72 7.48 6.92 4.46
C ALA A 72 7.13 8.40 4.49
N LEU A 73 7.13 9.03 5.68
CA LEU A 73 6.88 10.46 5.73
C LEU A 73 7.98 11.24 5.03
N THR A 74 9.24 10.89 5.31
CA THR A 74 10.35 11.55 4.63
C THR A 74 10.18 11.49 3.12
N ASN A 75 9.89 10.29 2.61
CA ASN A 75 9.78 10.13 1.16
C ASN A 75 8.52 10.79 0.60
N ALA A 76 7.43 10.83 1.37
CA ALA A 76 6.25 11.55 0.86
C ALA A 76 6.57 13.01 0.61
N PHE A 77 7.28 13.65 1.54
CA PHE A 77 7.58 15.06 1.34
C PHE A 77 8.69 15.30 0.32
N VAL A 78 9.61 14.35 0.14
CA VAL A 78 10.59 14.45 -0.95
C VAL A 78 9.86 14.43 -2.29
N VAL A 79 8.89 13.54 -2.43
CA VAL A 79 8.15 13.42 -3.69
C VAL A 79 7.28 14.63 -3.91
N CYS A 80 6.67 15.15 -2.83
CA CYS A 80 5.89 16.37 -2.94
C CYS A 80 6.74 17.52 -3.50
N GLU A 81 7.97 17.68 -2.99
CA GLU A 81 8.81 18.77 -3.50
C GLU A 81 9.20 18.53 -4.96
N TYR A 82 9.51 17.28 -5.30
CA TYR A 82 9.86 16.91 -6.67
C TYR A 82 8.71 17.18 -7.64
N VAL A 83 7.49 16.80 -7.26
CA VAL A 83 6.37 16.96 -8.17
C VAL A 83 5.94 18.42 -8.29
N THR A 84 5.86 19.13 -7.17
CA THR A 84 5.30 20.49 -7.20
C THR A 84 6.34 21.54 -7.55
N GLY A 85 7.63 21.22 -7.41
CA GLY A 85 8.67 22.18 -7.68
C GLY A 85 9.09 23.04 -6.51
N SER A 86 8.56 22.79 -5.31
CA SER A 86 8.97 23.60 -4.17
C SER A 86 8.69 22.86 -2.87
N ASP A 87 9.40 23.27 -1.83
CA ASP A 87 9.26 22.65 -0.51
C ASP A 87 7.82 22.77 -0.01
N CYS A 88 7.25 21.62 0.36
CA CYS A 88 5.88 21.57 0.87
C CYS A 88 5.80 21.80 2.38
N GLY A 89 6.93 22.06 3.05
CA GLY A 89 6.90 22.31 4.48
C GLY A 89 6.35 21.13 5.23
N ASP A 90 5.27 21.36 5.97
CA ASP A 90 4.60 20.30 6.72
C ASP A 90 3.12 20.23 6.33
N SER A 91 2.84 20.45 5.04
CA SER A 91 1.49 20.36 4.48
C SER A 91 1.63 19.62 3.15
N LEU A 92 1.49 18.29 3.20
CA LEU A 92 1.56 17.51 1.98
C LEU A 92 0.45 17.99 1.05
N VAL A 93 0.81 18.40 -0.16
CA VAL A 93 -0.16 19.13 -0.99
C VAL A 93 -1.39 18.27 -1.29
N ASN A 94 -1.19 17.02 -1.73
CA ASN A 94 -2.32 16.11 -1.84
C ASN A 94 -1.78 14.68 -1.87
N LEU A 95 -2.71 13.72 -1.89
CA LEU A 95 -2.34 12.30 -1.89
C LEU A 95 -2.02 11.78 -3.29
N THR A 96 -2.60 12.41 -4.31
CA THR A 96 -2.48 11.94 -5.68
C THR A 96 -1.04 12.01 -6.17
N LEU A 97 -0.31 13.07 -5.78
CA LEU A 97 1.06 13.19 -6.24
C LEU A 97 1.94 12.05 -5.76
N LEU A 98 1.49 11.28 -4.76
CA LEU A 98 2.28 10.13 -4.36
C LEU A 98 2.32 9.05 -5.44
N ALA A 99 1.46 9.14 -6.46
CA ALA A 99 1.54 8.22 -7.59
C ALA A 99 2.51 8.67 -8.67
N GLU A 100 3.40 9.59 -8.36
CA GLU A 100 4.47 9.94 -9.28
C GLU A 100 5.29 8.69 -9.57
N PRO A 101 5.38 8.25 -10.82
CA PRO A 101 6.05 6.96 -11.10
C PRO A 101 7.56 7.01 -10.94
N HIS A 102 8.11 5.81 -10.73
CA HIS A 102 9.55 5.60 -10.55
C HIS A 102 10.11 6.50 -9.44
N ALA A 103 9.33 6.62 -8.36
CA ALA A 103 9.68 7.46 -7.23
C ALA A 103 9.36 6.71 -5.95
N PHE A 104 8.32 7.14 -5.24
CA PHE A 104 7.80 6.32 -4.14
C PHE A 104 6.90 5.23 -4.71
N GLU A 105 5.97 5.62 -5.58
CA GLU A 105 5.23 4.65 -6.38
C GLU A 105 6.21 3.88 -7.27
N HIS A 106 5.92 2.60 -7.48
CA HIS A 106 6.88 1.71 -8.14
C HIS A 106 6.15 0.66 -8.96
N ASP A 107 6.91 -0.01 -9.82
CA ASP A 107 6.36 -1.01 -10.72
C ASP A 107 6.04 -2.27 -9.92
N HIS A 108 5.46 -3.25 -10.61
CA HIS A 108 5.06 -4.57 -10.05
C HIS A 108 4.37 -4.42 -8.68
N SER A 109 3.44 -3.48 -8.60
CA SER A 109 2.57 -3.37 -7.42
C SER A 109 1.66 -4.58 -7.31
N PHE A 110 1.13 -4.83 -6.10
CA PHE A 110 0.23 -5.97 -5.89
C PHE A 110 -1.16 -5.75 -6.46
N SER A 111 -1.62 -4.49 -6.54
CA SER A 111 -3.03 -4.23 -6.83
C SER A 111 -3.24 -3.06 -7.76
N ARG A 112 -2.19 -2.48 -8.32
CA ARG A 112 -2.27 -1.39 -9.28
C ARG A 112 -1.52 -1.81 -10.53
N LYS A 113 -1.97 -1.29 -11.68
CA LYS A 113 -1.18 -1.47 -12.89
C LYS A 113 0.03 -0.55 -12.84
N ASP A 114 0.99 -0.80 -13.73
CA ASP A 114 2.14 0.09 -13.87
C ASP A 114 1.85 1.24 -14.84
N TYR A 115 2.59 2.33 -14.64
CA TYR A 115 2.42 3.57 -15.40
C TYR A 115 2.45 3.33 -16.90
N LYS A 116 3.33 2.45 -17.39
CA LYS A 116 3.38 2.14 -18.82
C LYS A 116 3.03 0.68 -19.08
N GLN A 117 2.13 0.12 -18.28
CA GLN A 117 1.76 -1.27 -18.49
C GLN A 117 0.87 -1.40 -19.74
N GLY A 118 1.30 -2.25 -20.67
CA GLY A 118 0.51 -2.59 -21.83
C GLY A 118 0.20 -1.44 -22.77
N VAL A 119 0.95 -0.35 -22.72
CA VAL A 119 0.71 0.74 -23.66
C VAL A 119 1.39 0.41 -24.99
N ALA A 120 0.70 0.72 -26.09
CA ALA A 120 1.25 0.45 -27.41
C ALA A 120 2.29 1.49 -27.83
N ASN A 121 2.17 2.71 -27.31
CA ASN A 121 3.03 3.83 -27.68
C ASN A 121 3.87 4.25 -26.47
N SER A 122 5.15 4.54 -26.70
CA SER A 122 6.10 4.79 -25.61
C SER A 122 5.78 6.05 -24.82
N ASN A 123 5.09 7.01 -25.43
CA ASN A 123 4.73 8.26 -24.79
C ASN A 123 3.51 8.13 -23.90
N ASP A 124 2.76 7.05 -24.01
CA ASP A 124 1.48 6.91 -23.36
C ASP A 124 1.68 6.41 -21.94
N PHE A 125 0.68 6.65 -21.10
CA PHE A 125 0.71 6.10 -19.74
C PHE A 125 -0.72 5.87 -19.29
N ILE A 126 -0.86 5.10 -18.21
CA ILE A 126 -2.16 4.70 -17.70
C ILE A 126 -2.21 4.93 -16.18
N ASP A 127 -3.36 4.59 -15.60
CA ASP A 127 -3.63 4.80 -14.18
C ASP A 127 -2.81 3.79 -13.37
N ASN A 128 -1.74 4.28 -12.73
CA ASN A 128 -0.93 3.47 -11.81
C ASN A 128 -1.32 3.73 -10.36
N ARG A 129 -2.49 4.29 -10.12
CA ARG A 129 -2.78 4.83 -8.81
C ARG A 129 -3.99 4.16 -8.18
N ASN A 130 -5.07 4.01 -8.93
CA ASN A 130 -6.30 3.44 -8.38
C ASN A 130 -6.24 1.93 -8.32
N PHE A 131 -6.91 1.39 -7.30
CA PHE A 131 -7.06 -0.05 -7.15
C PHE A 131 -7.58 -0.68 -8.44
N ASP A 132 -6.93 -1.74 -8.88
CA ASP A 132 -7.29 -2.43 -10.12
C ASP A 132 -7.62 -3.87 -9.75
N ALA A 133 -8.89 -4.25 -9.84
CA ALA A 133 -9.29 -5.58 -9.38
C ALA A 133 -8.58 -6.71 -10.14
N GLU A 134 -8.40 -6.56 -11.45
CA GLU A 134 -7.78 -7.66 -12.20
C GLU A 134 -6.33 -7.83 -11.77
N THR A 135 -5.60 -6.73 -11.55
CA THR A 135 -4.22 -6.83 -11.06
C THR A 135 -4.16 -7.52 -9.70
N PHE A 136 -5.02 -7.09 -8.77
CA PHE A 136 -5.00 -7.68 -7.45
C PHE A 136 -5.36 -9.16 -7.52
N GLN A 137 -6.24 -9.52 -8.46
CA GLN A 137 -6.59 -10.93 -8.60
C GLN A 137 -5.37 -11.77 -9.01
N THR A 138 -4.41 -11.18 -9.74
CA THR A 138 -3.20 -11.95 -10.05
C THR A 138 -2.35 -12.19 -8.81
N SER A 139 -2.42 -11.30 -7.82
CA SER A 139 -1.77 -11.56 -6.54
C SER A 139 -2.52 -12.64 -5.76
N LEU A 140 -3.83 -12.45 -5.63
CA LEU A 140 -4.66 -13.37 -4.88
C LEU A 140 -4.60 -14.78 -5.44
N ASP A 141 -4.47 -14.92 -6.76
CA ASP A 141 -4.57 -16.27 -7.29
C ASP A 141 -3.31 -17.08 -7.05
N VAL A 142 -2.20 -16.43 -6.70
CA VAL A 142 -1.03 -17.18 -6.24
C VAL A 142 -1.37 -18.00 -5.00
N VAL A 143 -2.34 -17.53 -4.20
CA VAL A 143 -2.73 -18.22 -2.98
C VAL A 143 -4.19 -18.66 -3.07
N ALA A 144 -4.61 -19.05 -4.26
CA ALA A 144 -6.00 -19.43 -4.45
C ALA A 144 -6.37 -20.62 -3.58
N GLY A 145 -7.59 -20.62 -3.07
CA GLY A 145 -8.09 -21.70 -2.24
C GLY A 145 -7.56 -21.73 -0.83
N LYS A 146 -6.82 -20.71 -0.40
CA LYS A 146 -6.23 -20.66 0.92
C LYS A 146 -6.93 -19.60 1.76
N THR A 147 -6.96 -19.81 3.08
CA THR A 147 -7.40 -18.78 4.01
C THR A 147 -6.26 -17.92 4.55
N HIS A 148 -5.02 -18.43 4.59
CA HIS A 148 -3.90 -17.73 5.19
C HIS A 148 -2.68 -17.94 4.30
N PHE A 149 -1.68 -17.05 4.40
CA PHE A 149 -0.42 -17.36 3.75
C PHE A 149 0.75 -16.83 4.58
N ASP A 150 1.94 -17.39 4.30
CA ASP A 150 3.14 -17.10 5.07
C ASP A 150 4.16 -16.35 4.21
N TYR A 151 5.35 -16.16 4.79
CA TYR A 151 6.41 -15.40 4.14
C TYR A 151 6.77 -15.96 2.76
N ALA A 152 6.89 -17.29 2.65
CA ALA A 152 7.28 -17.88 1.37
C ALA A 152 6.20 -17.66 0.33
N ASP A 153 4.94 -17.73 0.74
CA ASP A 153 3.84 -17.42 -0.16
C ASP A 153 3.93 -15.98 -0.63
N MET A 154 4.22 -15.05 0.29
CA MET A 154 4.32 -13.65 -0.12
C MET A 154 5.46 -13.47 -1.10
N ASN A 155 6.56 -14.19 -0.90
CA ASN A 155 7.68 -14.12 -1.84
C ASN A 155 7.21 -14.53 -3.23
N GLU A 156 6.40 -15.58 -3.31
CA GLU A 156 5.89 -16.05 -4.59
C GLU A 156 4.94 -15.04 -5.23
N ILE A 157 4.11 -14.38 -4.41
CA ILE A 157 3.24 -13.33 -4.94
C ILE A 157 4.05 -12.23 -5.59
N ARG A 158 5.04 -11.70 -4.87
CA ARG A 158 5.78 -10.59 -5.45
C ARG A 158 6.59 -11.04 -6.67
N LEU A 159 7.02 -12.30 -6.71
CA LEU A 159 7.73 -12.76 -7.91
C LEU A 159 6.79 -12.83 -9.09
N GLN A 160 5.56 -13.30 -8.85
CA GLN A 160 4.57 -13.34 -9.92
C GLN A 160 4.29 -11.94 -10.47
N ARG A 161 4.20 -10.96 -9.57
CA ARG A 161 3.92 -9.58 -9.97
C ARG A 161 5.08 -9.02 -10.77
N GLU A 162 6.32 -9.36 -10.37
CA GLU A 162 7.47 -8.85 -11.11
C GLU A 162 7.55 -9.46 -12.49
N SER A 163 7.23 -10.75 -12.60
CA SER A 163 7.27 -11.42 -13.90
C SER A 163 6.21 -10.84 -14.83
N LEU A 164 4.99 -10.66 -14.34
CA LEU A 164 3.93 -10.10 -15.18
C LEU A 164 4.29 -8.69 -15.63
N SER A 165 4.77 -7.86 -14.72
CA SER A 165 5.08 -6.47 -15.05
C SER A 165 6.25 -6.36 -16.02
N ASN A 166 7.27 -7.19 -15.82
CA ASN A 166 8.42 -7.17 -16.71
C ASN A 166 8.03 -7.58 -18.13
N GLU A 167 7.02 -8.45 -18.27
CA GLU A 167 6.57 -8.84 -19.60
C GLU A 167 5.62 -7.83 -20.22
N LEU A 168 4.79 -7.19 -19.41
CA LEU A 168 3.68 -6.42 -19.95
C LEU A 168 4.02 -4.94 -20.10
N ASP A 169 4.98 -4.43 -19.34
CA ASP A 169 5.30 -3.02 -19.40
C ASP A 169 6.01 -2.68 -20.71
N PHE A 170 5.81 -1.46 -21.17
CA PHE A 170 6.46 -1.03 -22.40
C PHE A 170 7.97 -1.28 -22.29
N PRO A 171 8.62 -1.76 -23.34
CA PRO A 171 10.03 -2.17 -23.21
C PRO A 171 10.91 -1.02 -22.74
N GLY A 172 11.70 -1.29 -21.70
CA GLY A 172 12.53 -0.28 -21.08
C GLY A 172 11.89 0.42 -19.88
N TRP A 173 10.58 0.30 -19.69
CA TRP A 173 9.96 0.99 -18.56
C TRP A 173 10.23 0.27 -17.25
N PHE A 174 10.02 -1.05 -17.24
CA PHE A 174 10.01 -1.79 -15.98
C PHE A 174 11.27 -1.54 -15.17
N THR A 175 11.09 -1.23 -13.89
CA THR A 175 12.20 -0.99 -12.98
C THR A 175 11.89 -1.72 -11.68
N GLU A 176 12.72 -2.70 -11.32
CA GLU A 176 12.47 -3.46 -10.11
C GLU A 176 12.65 -2.59 -8.87
N SER A 177 11.75 -2.78 -7.90
CA SER A 177 11.79 -2.00 -6.66
CA SER A 177 11.76 -1.99 -6.66
C SER A 177 11.55 -2.91 -5.45
N LYS A 178 12.46 -3.86 -5.26
CA LYS A 178 12.35 -4.76 -4.11
C LYS A 178 12.37 -4.04 -2.77
N PRO A 179 13.23 -3.04 -2.53
CA PRO A 179 13.25 -2.44 -1.17
C PRO A 179 11.93 -1.79 -0.77
N ILE A 180 11.33 -0.98 -1.64
CA ILE A 180 10.08 -0.34 -1.24
C ILE A 180 8.93 -1.33 -1.21
N GLN A 181 8.83 -2.19 -2.23
CA GLN A 181 7.75 -3.17 -2.23
C GLN A 181 7.76 -4.03 -0.99
N ASN A 182 8.94 -4.46 -0.53
CA ASN A 182 8.90 -5.44 0.52
C ASN A 182 8.88 -4.83 1.92
N VAL A 183 9.09 -3.50 2.04
CA VAL A 183 8.55 -2.79 3.20
C VAL A 183 7.04 -2.92 3.20
N GLU A 184 6.42 -2.73 2.03
CA GLU A 184 4.96 -2.87 1.94
C GLU A 184 4.51 -4.31 2.16
N SER A 185 5.32 -5.31 1.76
CA SER A 185 5.02 -6.67 2.19
C SER A 185 4.98 -6.76 3.71
N GLY A 186 5.96 -6.16 4.38
CA GLY A 186 5.94 -6.11 5.82
C GLY A 186 4.74 -5.38 6.36
N PHE A 187 4.28 -4.35 5.63
CA PHE A 187 3.13 -3.59 6.09
C PHE A 187 1.91 -4.49 6.09
N ILE A 188 1.78 -5.34 5.08
CA ILE A 188 0.63 -6.26 5.02
C ILE A 188 0.65 -7.23 6.18
N PHE A 189 1.81 -7.83 6.46
CA PHE A 189 1.90 -8.72 7.61
C PHE A 189 1.62 -7.95 8.90
N ALA A 190 2.02 -6.68 8.98
CA ALA A 190 1.79 -5.89 10.19
C ALA A 190 0.31 -5.64 10.40
N LEU A 191 -0.41 -5.33 9.32
CA LEU A 191 -1.80 -4.92 9.52
C LEU A 191 -2.76 -6.11 9.54
N VAL A 192 -2.63 -7.08 8.64
CA VAL A 192 -3.69 -8.06 8.50
C VAL A 192 -3.17 -9.50 8.70
N SER A 193 -2.09 -9.67 9.46
CA SER A 193 -1.79 -11.03 9.91
C SER A 193 -2.73 -11.41 11.06
N ASP A 194 -2.91 -12.72 11.24
CA ASP A 194 -3.97 -13.25 12.11
C ASP A 194 -3.47 -13.26 13.55
N PHE A 195 -3.79 -12.19 14.29
CA PHE A 195 -3.40 -12.07 15.70
C PHE A 195 -4.12 -13.07 16.60
N ASN A 196 -5.07 -13.85 16.07
CA ASN A 196 -5.76 -14.84 16.88
C ASN A 196 -4.96 -16.13 16.99
N LEU A 197 -3.87 -16.25 16.25
CA LEU A 197 -3.00 -17.43 16.35
C LEU A 197 -1.97 -17.21 17.46
N PRO A 198 -1.63 -18.25 18.20
CA PRO A 198 -0.74 -18.06 19.37
C PRO A 198 0.64 -17.53 19.03
N ASP A 199 1.13 -17.72 17.82
CA ASP A 199 2.48 -17.33 17.43
C ASP A 199 2.51 -16.15 16.47
N ASN A 200 1.47 -15.31 16.49
CA ASN A 200 1.37 -14.23 15.51
C ASN A 200 2.60 -13.32 15.51
N ASP A 201 3.08 -12.94 16.70
CA ASP A 201 4.09 -11.89 16.75
C ASP A 201 5.41 -12.36 16.16
N GLU A 202 5.70 -13.66 16.22
CA GLU A 202 6.95 -14.18 15.68
C GLU A 202 6.80 -14.93 14.36
N ASN A 203 5.59 -15.40 14.01
N ASN A 203 5.62 -15.44 14.04
CA ASN A 203 5.45 -16.20 12.80
CA ASN A 203 5.42 -16.20 12.80
C ASN A 203 4.14 -15.84 12.07
C ASN A 203 4.08 -15.80 12.21
N PRO A 204 3.95 -14.57 11.74
CA PRO A 204 2.63 -14.09 11.31
C PRO A 204 2.14 -14.71 10.00
N LEU A 205 0.84 -14.95 9.95
CA LEU A 205 0.19 -15.44 8.74
C LEU A 205 -0.87 -14.43 8.32
N VAL A 206 -0.81 -13.96 7.07
CA VAL A 206 -1.80 -13.02 6.58
C VAL A 206 -3.14 -13.74 6.44
N ARG A 207 -4.21 -13.12 6.93
CA ARG A 207 -5.56 -13.63 6.68
C ARG A 207 -6.05 -13.04 5.37
N ILE A 208 -6.32 -13.90 4.40
CA ILE A 208 -6.51 -13.41 3.04
C ILE A 208 -7.78 -12.59 2.92
N ASP A 209 -8.86 -13.00 3.60
CA ASP A 209 -10.09 -12.22 3.47
C ASP A 209 -9.95 -10.82 4.06
N TRP A 210 -9.17 -10.67 5.13
CA TRP A 210 -8.90 -9.33 5.66
C TRP A 210 -8.13 -8.49 4.64
N TRP A 211 -7.11 -9.10 4.02
CA TRP A 211 -6.32 -8.40 3.01
C TRP A 211 -7.21 -7.95 1.88
N LYS A 212 -8.05 -8.87 1.38
CA LYS A 212 -8.87 -8.54 0.22
C LYS A 212 -9.90 -7.49 0.55
N TYR A 213 -10.44 -7.52 1.79
CA TYR A 213 -11.41 -6.50 2.18
C TYR A 213 -10.75 -5.13 2.21
N TRP A 214 -9.57 -5.06 2.84
CA TRP A 214 -8.89 -3.78 2.99
C TRP A 214 -8.55 -3.17 1.63
N PHE A 215 -7.98 -3.98 0.73
CA PHE A 215 -7.55 -3.46 -0.57
C PHE A 215 -8.75 -3.13 -1.47
N THR A 216 -9.75 -4.00 -1.49
CA THR A 216 -10.87 -3.81 -2.40
C THR A 216 -11.76 -2.66 -1.94
N ASN A 217 -12.00 -2.59 -0.64
CA ASN A 217 -12.95 -1.65 -0.11
C ASN A 217 -12.33 -0.34 0.35
N GLU A 218 -11.02 -0.32 0.57
CA GLU A 218 -10.34 0.84 1.18
C GLU A 218 -11.09 1.28 2.44
N SER A 219 -11.36 0.29 3.28
CA SER A 219 -11.91 0.48 4.60
C SER A 219 -11.49 -0.72 5.44
N PHE A 220 -11.87 -0.73 6.71
CA PHE A 220 -11.23 -1.70 7.59
C PHE A 220 -12.14 -2.90 7.83
N PRO A 221 -11.58 -4.13 7.83
CA PRO A 221 -12.40 -5.35 7.87
C PRO A 221 -12.91 -5.77 9.25
N TYR A 222 -13.44 -4.80 9.99
CA TYR A 222 -14.04 -5.10 11.28
C TYR A 222 -15.11 -6.20 11.21
N HIS A 223 -15.90 -6.23 10.14
CA HIS A 223 -16.98 -7.22 10.07
C HIS A 223 -16.46 -8.65 10.01
N LEU A 224 -15.18 -8.81 9.65
CA LEU A 224 -14.53 -10.11 9.57
C LEU A 224 -13.71 -10.42 10.82
N GLY A 225 -13.86 -9.63 11.88
CA GLY A 225 -13.17 -9.87 13.12
C GLY A 225 -11.83 -9.17 13.26
N TRP A 226 -11.47 -8.34 12.29
CA TRP A 226 -10.23 -7.60 12.39
C TRP A 226 -10.35 -6.50 13.44
N HIS A 227 -9.22 -6.12 14.02
CA HIS A 227 -9.12 -4.86 14.76
C HIS A 227 -7.68 -4.38 14.65
N PRO A 228 -7.42 -3.11 14.95
CA PRO A 228 -6.04 -2.59 14.92
C PRO A 228 -5.13 -3.42 15.80
N PRO A 229 -3.92 -3.73 15.33
CA PRO A 229 -2.97 -4.43 16.19
C PRO A 229 -2.80 -3.71 17.52
N SER A 230 -2.74 -4.49 18.59
CA SER A 230 -2.58 -3.94 19.93
C SER A 230 -1.59 -4.82 20.69
N PRO A 231 -0.45 -4.28 21.13
CA PRO A 231 0.01 -2.91 20.95
C PRO A 231 0.35 -2.60 19.49
N ALA A 232 0.52 -1.32 19.18
CA ALA A 232 0.75 -0.93 17.79
C ALA A 232 2.03 -1.59 17.26
N ARG A 233 2.00 -1.97 15.99
CA ARG A 233 3.15 -2.57 15.34
C ARG A 233 4.27 -1.54 15.22
N GLU A 234 5.52 -2.00 15.32
CA GLU A 234 6.69 -1.14 15.24
C GLU A 234 7.53 -1.53 14.04
N ILE A 235 8.48 -0.64 13.71
CA ILE A 235 9.25 -0.79 12.48
C ILE A 235 10.07 -2.07 12.46
N GLU A 236 10.52 -2.56 13.62
CA GLU A 236 11.32 -3.79 13.64
C GLU A 236 10.52 -4.95 13.08
N PHE A 237 9.24 -5.03 13.41
CA PHE A 237 8.42 -6.12 12.89
C PHE A 237 8.34 -6.03 11.37
N VAL A 238 8.15 -4.82 10.86
CA VAL A 238 7.98 -4.63 9.42
C VAL A 238 9.25 -5.00 8.66
N THR A 239 10.41 -4.52 9.12
CA THR A 239 11.60 -4.84 8.32
C THR A 239 12.03 -6.29 8.50
N SER A 240 11.78 -6.89 9.67
CA SER A 240 12.02 -8.32 9.83
C SER A 240 11.15 -9.15 8.90
N ALA A 241 9.87 -8.78 8.78
CA ALA A 241 9.00 -9.45 7.82
C ALA A 241 9.50 -9.27 6.39
N SER A 242 9.89 -8.04 6.04
CA SER A 242 10.46 -7.77 4.71
C SER A 242 11.65 -8.68 4.40
N SER A 243 12.64 -8.68 5.29
CA SER A 243 13.71 -9.65 5.25
C SER A 243 13.24 -11.08 5.04
N ALA A 244 12.31 -11.54 5.89
CA ALA A 244 11.95 -12.94 5.85
C ALA A 244 11.24 -13.31 4.55
N VAL A 245 10.48 -12.39 3.97
CA VAL A 245 9.86 -12.67 2.67
C VAL A 245 10.93 -12.95 1.63
N LEU A 246 11.95 -12.09 1.58
CA LEU A 246 12.97 -12.16 0.54
C LEU A 246 13.95 -13.30 0.78
N ALA A 247 14.08 -13.76 2.03
CA ALA A 247 14.90 -14.91 2.38
C ALA A 247 14.19 -16.25 2.16
N ALA A 248 12.88 -16.24 1.98
CA ALA A 248 12.11 -17.48 1.95
C ALA A 248 12.42 -18.27 0.69
N SER A 249 12.33 -19.59 0.79
CA SER A 249 12.65 -20.44 -0.35
C SER A 249 11.57 -20.40 -1.42
N VAL A 250 12.01 -20.33 -2.66
CA VAL A 250 11.12 -20.26 -3.81
C VAL A 250 10.94 -21.66 -4.37
N THR A 251 9.72 -22.19 -4.30
CA THR A 251 9.43 -23.51 -4.86
C THR A 251 8.95 -23.45 -6.30
N SER A 252 8.48 -22.28 -6.77
CA SER A 252 7.95 -22.15 -8.12
C SER A 252 8.47 -20.84 -8.69
N THR A 253 9.23 -20.93 -9.78
CA THR A 253 9.91 -19.76 -10.33
C THR A 253 9.25 -19.31 -11.62
N PRO A 254 8.70 -18.10 -11.68
CA PRO A 254 8.15 -17.60 -12.94
C PRO A 254 9.28 -17.27 -13.90
N SER A 255 8.98 -17.32 -15.19
CA SER A 255 9.96 -16.85 -16.16
C SER A 255 9.95 -15.32 -16.24
N SER A 256 10.94 -14.78 -16.96
CA SER A 256 11.05 -13.35 -17.25
C SER A 256 11.25 -12.52 -16.00
N LEU A 257 11.87 -13.10 -14.98
CA LEU A 257 12.19 -12.31 -13.81
C LEU A 257 13.35 -11.37 -14.14
N PRO A 258 13.33 -10.15 -13.61
CA PRO A 258 14.53 -9.33 -13.68
C PRO A 258 15.68 -10.02 -12.98
N SER A 259 16.88 -9.64 -13.39
CA SER A 259 18.09 -10.19 -12.81
C SER A 259 18.17 -9.89 -11.32
N GLY A 260 18.50 -10.92 -10.52
CA GLY A 260 18.62 -10.77 -9.09
C GLY A 260 17.31 -10.75 -8.30
N ALA A 261 16.17 -10.98 -8.97
CA ALA A 261 14.88 -10.93 -8.29
C ALA A 261 14.84 -11.88 -7.09
N ILE A 262 15.38 -13.08 -7.25
CA ILE A 262 15.43 -14.02 -6.15
C ILE A 262 16.66 -13.73 -5.31
N GLY A 263 16.46 -13.50 -4.02
CA GLY A 263 17.54 -13.14 -3.14
C GLY A 263 17.22 -11.94 -2.27
N PRO A 264 18.14 -11.61 -1.37
CA PRO A 264 17.93 -10.50 -0.43
C PRO A 264 17.79 -9.16 -1.14
N GLY A 265 17.28 -8.19 -0.40
CA GLY A 265 17.05 -6.86 -0.95
C GLY A 265 17.73 -5.79 -0.14
N ALA A 266 18.04 -4.69 -0.82
CA ALA A 266 18.67 -3.54 -0.17
C ALA A 266 17.72 -2.92 0.85
N GLU A 267 18.31 -2.33 1.87
CA GLU A 267 17.54 -1.50 2.80
C GLU A 267 16.87 -0.35 2.06
N ALA A 268 15.60 -0.10 2.36
CA ALA A 268 14.96 1.09 1.81
C ALA A 268 15.55 2.33 2.46
N VAL A 269 15.78 3.36 1.64
CA VAL A 269 16.44 4.58 2.11
C VAL A 269 15.70 5.80 1.59
N PRO A 270 16.01 7.00 2.06
CA PRO A 270 15.35 8.20 1.52
C PRO A 270 15.53 8.34 0.03
N LEU A 271 14.45 8.75 -0.62
CA LEU A 271 14.47 9.05 -2.04
C LEU A 271 15.18 10.37 -2.29
N SER A 272 15.68 10.55 -3.52
CA SER A 272 16.26 11.80 -3.93
C SER A 272 16.10 11.96 -5.44
N PHE A 273 15.90 13.21 -5.87
CA PHE A 273 15.70 13.50 -7.29
C PHE A 273 16.54 14.70 -7.67
N ALA A 274 17.33 14.54 -8.73
CA ALA A 274 18.10 15.65 -9.28
C ALA A 274 17.18 16.81 -9.63
N SER A 275 17.56 18.01 -9.21
CA SER A 275 16.71 19.17 -9.43
C SER A 275 16.50 19.47 -10.91
N THR A 276 17.33 18.91 -11.79
CA THR A 276 17.08 19.05 -13.22
C THR A 276 15.94 18.19 -13.72
N MET A 277 15.49 17.21 -12.95
CA MET A 277 14.52 16.25 -13.46
C MET A 277 13.11 16.84 -13.45
N THR A 278 12.44 16.72 -14.59
CA THR A 278 11.05 17.12 -14.45
C THR A 278 10.16 15.90 -14.18
N PRO A 279 9.15 16.05 -13.34
CA PRO A 279 8.31 14.92 -12.97
C PRO A 279 7.53 14.39 -14.16
N PHE A 280 7.29 13.07 -14.17
CA PHE A 280 6.29 12.52 -15.08
C PHE A 280 4.91 13.06 -14.73
N LEU A 281 4.09 13.22 -15.77
CA LEU A 281 2.71 13.62 -15.56
C LEU A 281 1.94 12.59 -14.75
N LEU A 282 1.17 13.07 -13.80
CA LEU A 282 0.34 12.22 -12.98
C LEU A 282 -0.89 11.77 -13.76
N ALA A 283 -1.29 10.50 -13.58
CA ALA A 283 -2.59 10.08 -14.08
C ALA A 283 -3.71 10.89 -13.41
N THR A 284 -4.74 11.23 -14.18
CA THR A 284 -5.77 12.18 -13.78
C THR A 284 -7.08 11.52 -13.38
N ASN A 285 -7.13 10.19 -13.32
CA ASN A 285 -8.39 9.48 -13.13
C ASN A 285 -9.04 9.85 -11.80
N ALA A 286 -10.38 9.88 -11.80
CA ALA A 286 -11.10 10.12 -10.57
C ALA A 286 -10.77 9.03 -9.55
N PRO A 287 -10.88 9.34 -8.25
CA PRO A 287 -10.58 8.33 -7.23
C PRO A 287 -11.52 7.14 -7.28
N TYR A 288 -10.93 5.95 -7.16
CA TYR A 288 -11.64 4.69 -7.06
C TYR A 288 -12.45 4.62 -5.78
N TYR A 289 -13.65 4.04 -5.87
CA TYR A 289 -14.34 3.59 -4.67
C TYR A 289 -15.10 2.31 -4.99
N ALA A 290 -15.28 1.50 -3.95
CA ALA A 290 -15.94 0.20 -4.12
C ALA A 290 -17.39 0.38 -4.55
N GLN A 291 -17.81 -0.41 -5.54
CA GLN A 291 -19.17 -0.32 -6.04
C GLN A 291 -19.85 -1.67 -6.20
N ASP A 292 -19.21 -2.77 -5.82
CA ASP A 292 -19.77 -4.10 -6.02
C ASP A 292 -19.70 -4.90 -4.73
N PRO A 293 -20.39 -4.46 -3.66
CA PRO A 293 -21.34 -3.34 -3.51
C PRO A 293 -20.69 -2.03 -3.03
N THR A 294 -21.43 -0.93 -3.12
CA THR A 294 -21.00 0.30 -2.46
C THR A 294 -21.08 0.11 -0.95
N LEU A 295 -20.26 0.87 -0.22
CA LEU A 295 -20.16 0.65 1.21
C LEU A 295 -21.02 1.64 1.98
N GLY A 296 -21.55 1.16 3.11
CA GLY A 296 -22.27 2.02 4.04
C GLY A 296 -21.32 2.62 5.06
N PRO A 297 -21.85 3.52 5.89
CA PRO A 297 -20.98 4.22 6.85
C PRO A 297 -20.25 3.30 7.81
N ASN A 298 -20.78 2.12 8.12
CA ASN A 298 -20.14 1.24 9.07
C ASN A 298 -19.31 0.15 8.41
N ASP A 299 -19.06 0.24 7.11
CA ASP A 299 -18.32 -0.81 6.41
C ASP A 299 -16.85 -0.46 6.19
#